data_8OSD
#
_entry.id   8OSD
#
_cell.length_a   24.460
_cell.length_b   66.810
_cell.length_c   52.810
_cell.angle_alpha   90.000
_cell.angle_beta   102.330
_cell.angle_gamma   90.000
#
_symmetry.space_group_name_H-M   'P 1 21 1'
#
loop_
_entity.id
_entity.type
_entity.pdbx_description
1 polymer Titin
2 water water
#
_entity_poly.entity_id   1
_entity_poly.type   'polypeptide(L)'
_entity_poly.pdbx_seq_one_letter_code
;GSSDPQYPPGPPAFPKVYDTTRSSVSLSWGKPAYDGGSPIIGYLVEVKRADSDNWVRCNLPQNLQKTRFEVTGLMEDTQY
QFRVYAVNKIGYSDPSDVPDKHYPKDILI
;
_entity_poly.pdbx_strand_id   A,B
#
# COMPACT_ATOMS: atom_id res chain seq x y z
N PRO A 5 -19.93 -20.52 -17.60
CA PRO A 5 -18.50 -20.65 -17.33
C PRO A 5 -17.96 -19.55 -16.39
N GLN A 6 -17.35 -19.94 -15.28
CA GLN A 6 -16.97 -19.01 -14.23
C GLN A 6 -15.54 -19.27 -13.79
N TYR A 7 -14.86 -18.21 -13.41
CA TYR A 7 -13.44 -18.24 -13.07
C TYR A 7 -13.23 -17.64 -11.69
N PRO A 8 -12.05 -17.83 -11.11
CA PRO A 8 -11.73 -17.13 -9.87
C PRO A 8 -11.63 -15.64 -10.12
N PRO A 9 -11.78 -14.82 -9.10
CA PRO A 9 -11.85 -13.39 -9.31
C PRO A 9 -10.46 -12.85 -9.62
N GLY A 10 -10.40 -11.57 -9.94
CA GLY A 10 -9.16 -10.88 -10.12
C GLY A 10 -8.58 -10.43 -8.79
N PRO A 11 -7.35 -9.90 -8.85
CA PRO A 11 -6.68 -9.52 -7.61
C PRO A 11 -7.40 -8.36 -6.93
N PRO A 12 -7.38 -8.31 -5.61
CA PRO A 12 -7.92 -7.12 -4.91
C PRO A 12 -7.19 -5.87 -5.35
N ALA A 13 -7.92 -4.77 -5.42
CA ALA A 13 -7.34 -3.51 -5.88
C ALA A 13 -6.68 -2.78 -4.73
N PHE A 14 -5.65 -1.99 -5.08
CA PHE A 14 -4.95 -1.05 -4.22
C PHE A 14 -4.89 -1.47 -2.75
N PRO A 15 -4.15 -2.53 -2.44
CA PRO A 15 -3.95 -2.90 -1.03
C PRO A 15 -2.94 -1.99 -0.34
N LYS A 16 -3.17 -1.75 0.95
CA LYS A 16 -2.32 -0.88 1.74
C LYS A 16 -2.46 -1.20 3.22
N VAL A 17 -1.47 -0.72 3.99
CA VAL A 17 -1.58 -0.60 5.44
C VAL A 17 -2.20 0.75 5.73
N TYR A 18 -3.20 0.79 6.62
CA TYR A 18 -3.78 2.08 7.03
C TYR A 18 -3.75 2.35 8.53
N ASP A 19 -3.37 1.38 9.37
CA ASP A 19 -3.12 1.63 10.77
C ASP A 19 -2.24 0.51 11.31
N THR A 20 -1.59 0.79 12.44
CA THR A 20 -0.86 -0.23 13.19
C THR A 20 -1.06 0.01 14.68
N THR A 21 -0.84 -1.03 15.47
CA THR A 21 -0.67 -0.97 16.90
C THR A 21 0.61 -1.77 17.19
N ARG A 22 1.04 -1.77 18.45
CA ARG A 22 2.26 -2.52 18.78
C ARG A 22 2.10 -4.02 18.56
N SER A 23 0.88 -4.50 18.31
CA SER A 23 0.65 -5.92 18.09
C SER A 23 -0.24 -6.21 16.89
N SER A 24 -0.46 -5.24 16.02
CA SER A 24 -1.34 -5.53 14.90
C SER A 24 -1.05 -4.57 13.75
N VAL A 25 -1.46 -5.02 12.57
CA VAL A 25 -1.37 -4.24 11.34
C VAL A 25 -2.74 -4.31 10.66
N SER A 26 -3.26 -3.16 10.23
CA SER A 26 -4.57 -3.05 9.61
C SER A 26 -4.42 -2.75 8.12
N LEU A 27 -4.99 -3.63 7.29
CA LEU A 27 -4.92 -3.55 5.85
C LEU A 27 -6.27 -3.14 5.27
N SER A 28 -6.23 -2.39 4.18
CA SER A 28 -7.43 -2.07 3.42
C SER A 28 -7.15 -2.32 1.94
N TRP A 29 -8.21 -2.65 1.19
CA TRP A 29 -8.09 -2.81 -0.25
C TRP A 29 -9.43 -2.46 -0.87
N GLY A 30 -9.53 -2.64 -2.18
CA GLY A 30 -10.76 -2.39 -2.90
C GLY A 30 -11.23 -3.65 -3.60
N LYS A 31 -12.48 -3.65 -4.02
CA LYS A 31 -12.98 -4.83 -4.71
C LYS A 31 -12.16 -5.05 -5.98
N PRO A 32 -12.01 -6.30 -6.42
CA PRO A 32 -11.27 -6.57 -7.66
C PRO A 32 -11.93 -5.92 -8.86
N ALA A 33 -11.15 -5.75 -9.93
CA ALA A 33 -11.71 -5.21 -11.15
C ALA A 33 -12.70 -6.19 -11.77
N TYR A 34 -12.42 -7.48 -11.68
CA TYR A 34 -13.31 -8.50 -12.21
C TYR A 34 -13.52 -9.57 -11.15
N ASP A 35 -14.70 -10.17 -11.16
CA ASP A 35 -15.03 -11.19 -10.18
C ASP A 35 -15.10 -12.58 -10.81
N GLY A 36 -14.70 -12.71 -12.07
CA GLY A 36 -14.68 -13.99 -12.73
C GLY A 36 -16.03 -14.52 -13.12
N GLY A 37 -17.10 -13.75 -12.95
CA GLY A 37 -18.41 -14.23 -13.32
C GLY A 37 -19.19 -14.88 -12.20
N SER A 38 -18.71 -14.79 -10.96
CA SER A 38 -19.44 -15.28 -9.79
C SER A 38 -19.14 -14.29 -8.67
N PRO A 39 -20.12 -13.97 -7.82
CA PRO A 39 -19.92 -12.90 -6.83
C PRO A 39 -18.83 -13.18 -5.82
N ILE A 40 -18.15 -12.12 -5.38
CA ILE A 40 -17.10 -12.28 -4.38
C ILE A 40 -17.71 -12.73 -3.07
N ILE A 41 -17.13 -13.77 -2.48
CA ILE A 41 -17.69 -14.35 -1.26
C ILE A 41 -16.88 -13.97 -0.05
N GLY A 42 -15.68 -13.46 -0.25
CA GLY A 42 -14.82 -13.14 0.86
C GLY A 42 -13.43 -12.85 0.34
N TYR A 43 -12.55 -12.51 1.30
CA TYR A 43 -11.16 -12.30 1.04
C TYR A 43 -10.36 -13.17 1.99
N LEU A 44 -9.12 -13.45 1.60
CA LEU A 44 -8.19 -14.23 2.42
C LEU A 44 -6.92 -13.40 2.59
N VAL A 45 -6.54 -13.16 3.84
CA VAL A 45 -5.34 -12.41 4.16
C VAL A 45 -4.27 -13.39 4.60
N GLU A 46 -3.09 -13.28 4.01
CA GLU A 46 -1.92 -14.04 4.44
C GLU A 46 -0.87 -13.06 4.94
N VAL A 47 -0.11 -13.51 5.94
CA VAL A 47 0.96 -12.71 6.54
C VAL A 47 2.19 -13.59 6.70
N LYS A 48 3.35 -13.03 6.41
CA LYS A 48 4.61 -13.70 6.69
C LYS A 48 5.54 -12.74 7.40
N ARG A 49 6.42 -13.29 8.23
CA ARG A 49 7.62 -12.56 8.62
C ARG A 49 8.36 -12.16 7.35
N ALA A 50 8.81 -10.90 7.29
CA ALA A 50 9.48 -10.42 6.09
C ALA A 50 10.71 -11.27 5.77
N ASP A 51 11.42 -11.71 6.80
CA ASP A 51 12.60 -12.55 6.62
C ASP A 51 12.27 -14.04 6.50
N SER A 52 11.08 -14.38 6.02
CA SER A 52 10.63 -15.77 6.00
C SER A 52 10.08 -16.14 4.64
N ASP A 53 9.85 -17.44 4.45
CA ASP A 53 9.19 -17.98 3.27
C ASP A 53 7.86 -18.63 3.60
N ASN A 54 7.44 -18.63 4.86
CA ASN A 54 6.24 -19.33 5.28
C ASN A 54 5.13 -18.31 5.44
N TRP A 55 4.16 -18.33 4.52
CA TRP A 55 2.95 -17.54 4.66
C TRP A 55 1.93 -18.26 5.54
N VAL A 56 1.21 -17.49 6.33
CA VAL A 56 0.21 -17.99 7.27
C VAL A 56 -1.11 -17.30 6.97
N ARG A 57 -2.17 -18.09 6.86
CA ARG A 57 -3.49 -17.53 6.62
C ARG A 57 -4.04 -16.95 7.92
N CYS A 58 -4.72 -15.82 7.80
CA CYS A 58 -5.19 -15.06 8.94
C CYS A 58 -6.68 -15.20 9.21
N ASN A 59 -7.46 -15.74 8.28
CA ASN A 59 -8.89 -15.73 8.42
C ASN A 59 -9.48 -16.79 7.51
N LEU A 60 -10.77 -17.08 7.72
CA LEU A 60 -11.56 -17.83 6.76
C LEU A 60 -12.24 -16.87 5.79
N PRO A 61 -12.26 -17.19 4.50
CA PRO A 61 -12.82 -16.24 3.51
C PRO A 61 -14.22 -15.75 3.84
N GLN A 62 -15.14 -16.66 4.15
CA GLN A 62 -16.53 -16.28 4.42
C GLN A 62 -16.64 -15.37 5.63
N ASN A 63 -15.59 -15.29 6.45
CA ASN A 63 -15.56 -14.42 7.61
C ASN A 63 -15.13 -13.00 7.28
N LEU A 64 -14.73 -12.74 6.03
CA LEU A 64 -14.13 -11.48 5.65
C LEU A 64 -14.81 -10.98 4.38
N GLN A 65 -15.94 -10.32 4.55
CA GLN A 65 -16.62 -9.73 3.41
CA GLN A 65 -16.69 -9.70 3.47
C GLN A 65 -16.25 -8.27 3.20
N LYS A 66 -15.84 -7.55 4.23
CA LYS A 66 -15.42 -6.16 4.10
C LYS A 66 -13.99 -6.11 3.58
N THR A 67 -13.65 -5.02 2.93
CA THR A 67 -12.34 -4.91 2.30
C THR A 67 -11.30 -4.30 3.23
N ARG A 68 -11.26 -4.76 4.48
CA ARG A 68 -10.27 -4.31 5.43
C ARG A 68 -10.17 -5.39 6.49
N PHE A 69 -9.01 -5.48 7.12
CA PHE A 69 -8.80 -6.55 8.10
C PHE A 69 -7.66 -6.14 9.01
N GLU A 70 -7.83 -6.35 10.33
CA GLU A 70 -6.75 -6.12 11.28
C GLU A 70 -6.04 -7.44 11.58
N VAL A 71 -4.77 -7.52 11.19
CA VAL A 71 -3.92 -8.68 11.48
C VAL A 71 -3.37 -8.53 12.89
N THR A 72 -3.80 -9.39 13.81
CA THR A 72 -3.41 -9.33 15.21
C THR A 72 -2.38 -10.41 15.53
N GLY A 73 -1.80 -10.30 16.73
CA GLY A 73 -0.84 -11.29 17.17
C GLY A 73 0.54 -11.13 16.57
N LEU A 74 0.88 -9.94 16.11
CA LEU A 74 2.17 -9.65 15.51
C LEU A 74 3.12 -9.07 16.55
N MET A 75 4.41 -9.32 16.36
CA MET A 75 5.42 -8.94 17.32
C MET A 75 5.94 -7.55 16.99
N GLU A 76 5.83 -6.63 17.96
CA GLU A 76 6.44 -5.31 17.78
C GLU A 76 7.92 -5.47 17.49
N ASP A 77 8.46 -4.57 16.67
CA ASP A 77 9.85 -4.60 16.28
C ASP A 77 10.18 -5.81 15.41
N THR A 78 9.16 -6.47 14.85
CA THR A 78 9.35 -7.51 13.85
C THR A 78 8.66 -7.11 12.55
N GLN A 79 9.34 -7.34 11.44
CA GLN A 79 8.89 -6.89 10.13
C GLN A 79 8.06 -7.97 9.45
N TYR A 80 6.94 -7.55 8.86
CA TYR A 80 5.97 -8.46 8.28
C TYR A 80 5.64 -8.01 6.85
N GLN A 81 5.20 -8.96 6.04
CA GLN A 81 4.66 -8.69 4.71
C GLN A 81 3.30 -9.36 4.59
N PHE A 82 2.48 -8.83 3.69
CA PHE A 82 1.08 -9.21 3.60
C PHE A 82 0.64 -9.36 2.15
N ARG A 83 -0.36 -10.21 1.93
CA ARG A 83 -0.95 -10.33 0.61
C ARG A 83 -2.40 -10.75 0.83
N VAL A 84 -3.27 -10.35 -0.10
CA VAL A 84 -4.70 -10.51 0.03
C VAL A 84 -5.26 -11.15 -1.23
N TYR A 85 -6.02 -12.23 -1.05
CA TYR A 85 -6.75 -12.90 -2.14
C TYR A 85 -8.21 -12.45 -2.12
N ALA A 86 -8.78 -12.30 -3.31
CA ALA A 86 -10.23 -12.26 -3.49
C ALA A 86 -10.70 -13.69 -3.75
N VAL A 87 -11.87 -14.04 -3.23
CA VAL A 87 -12.37 -15.41 -3.35
C VAL A 87 -13.79 -15.37 -3.87
N ASN A 88 -14.13 -16.31 -4.74
CA ASN A 88 -15.54 -16.56 -5.04
C ASN A 88 -15.75 -18.07 -4.96
N LYS A 89 -16.91 -18.52 -5.44
CA LYS A 89 -17.23 -19.95 -5.35
C LYS A 89 -16.32 -20.78 -6.25
N ILE A 90 -15.63 -20.18 -7.20
CA ILE A 90 -14.76 -20.91 -8.11
C ILE A 90 -13.36 -21.10 -7.52
N GLY A 91 -12.81 -20.08 -6.89
CA GLY A 91 -11.48 -20.22 -6.34
C GLY A 91 -10.94 -18.88 -5.89
N TYR A 92 -9.62 -18.81 -5.84
CA TYR A 92 -8.89 -17.68 -5.29
C TYR A 92 -8.21 -16.88 -6.39
N SER A 93 -8.22 -15.56 -6.24
CA SER A 93 -7.52 -14.70 -7.17
C SER A 93 -6.01 -14.91 -7.06
N ASP A 94 -5.29 -14.40 -8.05
CA ASP A 94 -3.88 -14.10 -7.85
C ASP A 94 -3.75 -13.16 -6.65
N PRO A 95 -2.84 -13.43 -5.72
CA PRO A 95 -2.73 -12.54 -4.55
C PRO A 95 -2.25 -11.15 -4.96
N SER A 96 -2.73 -10.16 -4.22
CA SER A 96 -2.27 -8.80 -4.35
C SER A 96 -1.33 -8.51 -3.18
N ASP A 97 -0.04 -8.40 -3.46
CA ASP A 97 0.94 -8.08 -2.44
CA ASP A 97 0.88 -8.13 -2.38
C ASP A 97 0.66 -6.71 -1.84
N VAL A 98 0.87 -6.58 -0.54
CA VAL A 98 0.88 -5.27 0.12
C VAL A 98 2.30 -4.75 0.04
N PRO A 99 2.53 -3.55 -0.51
CA PRO A 99 3.91 -3.10 -0.71
C PRO A 99 4.70 -3.06 0.59
N ASP A 100 5.98 -3.41 0.48
CA ASP A 100 6.97 -3.15 1.53
C ASP A 100 6.86 -4.10 2.71
N LYS A 101 7.69 -3.86 3.72
CA LYS A 101 7.72 -4.58 4.99
C LYS A 101 7.24 -3.64 6.07
N HIS A 102 6.59 -4.19 7.10
CA HIS A 102 5.92 -3.33 8.07
C HIS A 102 6.12 -3.80 9.50
N TYR A 103 6.42 -2.85 10.38
CA TYR A 103 6.48 -3.19 11.78
C TYR A 103 5.14 -2.90 12.47
N PRO A 104 4.72 -3.72 13.43
CA PRO A 104 3.62 -3.33 14.31
C PRO A 104 4.16 -2.42 15.39
N LYS A 105 3.68 -1.19 15.43
CA LYS A 105 4.22 -0.22 16.36
C LYS A 105 3.13 0.76 16.74
N ASP A 106 3.20 1.23 17.97
CA ASP A 106 2.38 2.36 18.41
C ASP A 106 2.90 3.63 17.74
N ILE A 107 2.09 4.20 16.85
CA ILE A 107 2.49 5.41 16.13
C ILE A 107 1.76 6.64 16.65
N PRO B 5 12.45 25.31 17.73
CA PRO B 5 13.54 25.16 16.77
C PRO B 5 13.56 23.81 16.07
N GLN B 6 12.48 23.04 16.17
CA GLN B 6 12.34 21.78 15.44
C GLN B 6 11.10 21.88 14.56
N TYR B 7 11.29 21.63 13.25
CA TYR B 7 10.25 21.77 12.25
C TYR B 7 10.02 20.44 11.54
N PRO B 8 8.94 20.30 10.78
CA PRO B 8 8.83 19.18 9.85
C PRO B 8 9.96 19.25 8.84
N PRO B 9 10.23 18.19 8.11
CA PRO B 9 11.32 18.23 7.11
C PRO B 9 10.90 18.99 5.87
N GLY B 10 11.86 19.21 4.99
CA GLY B 10 11.57 19.72 3.66
C GLY B 10 10.88 18.68 2.80
N PRO B 11 10.37 19.13 1.66
CA PRO B 11 9.72 18.20 0.75
C PRO B 11 10.74 17.23 0.15
N PRO B 12 10.32 16.03 -0.19
CA PRO B 12 11.19 15.13 -0.95
C PRO B 12 11.63 15.76 -2.25
N ALA B 13 12.80 15.35 -2.72
CA ALA B 13 13.41 15.92 -3.91
C ALA B 13 12.95 15.18 -5.16
N PHE B 14 12.38 15.94 -6.09
CA PHE B 14 12.01 15.51 -7.44
C PHE B 14 11.43 14.10 -7.50
N PRO B 15 10.25 13.87 -6.92
CA PRO B 15 9.64 12.54 -7.04
C PRO B 15 9.24 12.27 -8.47
N LYS B 16 9.39 11.01 -8.91
CA LYS B 16 9.11 10.67 -10.29
C LYS B 16 8.61 9.23 -10.41
N VAL B 17 7.73 9.00 -11.38
CA VAL B 17 7.44 7.64 -11.81
C VAL B 17 8.62 7.15 -12.64
N TYR B 18 9.20 6.00 -12.23
CA TYR B 18 10.31 5.43 -12.98
C TYR B 18 10.03 4.05 -13.56
N ASP B 19 8.87 3.45 -13.27
CA ASP B 19 8.55 2.11 -13.74
C ASP B 19 7.06 1.90 -13.55
N THR B 20 6.47 1.11 -14.44
CA THR B 20 5.06 0.78 -14.30
C THR B 20 4.86 -0.63 -14.81
N THR B 21 3.80 -1.27 -14.31
CA THR B 21 3.31 -2.49 -14.91
C THR B 21 1.84 -2.26 -15.21
N ARG B 22 1.13 -3.29 -15.66
CA ARG B 22 -0.27 -3.13 -16.01
C ARG B 22 -1.14 -2.86 -14.79
N SER B 23 -0.61 -3.06 -13.58
CA SER B 23 -1.40 -2.76 -12.39
C SER B 23 -0.57 -2.08 -11.31
N SER B 24 0.57 -1.46 -11.65
CA SER B 24 1.37 -0.85 -10.62
C SER B 24 2.16 0.31 -11.21
N VAL B 25 2.56 1.23 -10.33
CA VAL B 25 3.36 2.39 -10.69
C VAL B 25 4.41 2.60 -9.61
N SER B 26 5.69 2.64 -10.00
CA SER B 26 6.81 2.75 -9.08
C SER B 26 7.30 4.19 -9.05
N LEU B 27 7.51 4.72 -7.84
CA LEU B 27 7.99 6.08 -7.62
C LEU B 27 9.36 6.07 -6.97
N SER B 28 10.18 7.05 -7.31
CA SER B 28 11.42 7.27 -6.58
C SER B 28 11.61 8.78 -6.39
N TRP B 29 12.38 9.11 -5.36
CA TRP B 29 12.66 10.50 -5.03
C TRP B 29 14.00 10.56 -4.31
N GLY B 30 14.40 11.77 -3.94
CA GLY B 30 15.59 11.94 -3.12
C GLY B 30 15.25 12.53 -1.77
N LYS B 31 16.17 12.38 -0.82
CA LYS B 31 16.00 12.95 0.51
C LYS B 31 15.76 14.45 0.41
N PRO B 32 15.08 15.03 1.39
CA PRO B 32 14.88 16.48 1.42
C PRO B 32 16.18 17.22 1.68
N ALA B 33 16.16 18.51 1.39
CA ALA B 33 17.32 19.35 1.56
C ALA B 33 17.59 19.68 3.02
N TYR B 34 16.58 19.58 3.89
CA TYR B 34 16.68 19.97 5.29
C TYR B 34 15.56 19.21 6.03
N ASP B 35 15.85 18.76 7.25
CA ASP B 35 14.92 17.93 8.01
C ASP B 35 14.28 18.66 9.19
N GLY B 36 14.44 19.97 9.28
CA GLY B 36 13.88 20.70 10.39
C GLY B 36 14.49 20.40 11.74
N GLY B 37 15.61 19.70 11.77
CA GLY B 37 16.30 19.43 13.03
C GLY B 37 15.84 18.17 13.73
N SER B 38 15.02 17.35 13.06
CA SER B 38 14.57 16.10 13.60
C SER B 38 14.71 15.06 12.49
N PRO B 39 15.32 13.91 12.77
CA PRO B 39 15.60 12.97 11.68
C PRO B 39 14.34 12.51 10.98
N ILE B 40 14.43 12.41 9.65
CA ILE B 40 13.33 11.89 8.87
C ILE B 40 13.06 10.47 9.32
N ILE B 41 11.82 10.22 9.75
CA ILE B 41 11.45 8.86 10.11
C ILE B 41 10.99 8.08 8.88
N GLY B 42 10.47 8.76 7.87
CA GLY B 42 10.01 8.07 6.69
C GLY B 42 9.27 9.00 5.75
N TYR B 43 8.68 8.39 4.73
CA TYR B 43 7.99 9.08 3.66
C TYR B 43 6.56 8.56 3.58
N LEU B 44 5.70 9.39 3.01
CA LEU B 44 4.29 9.09 2.82
C LEU B 44 4.00 9.32 1.35
N VAL B 45 3.39 8.32 0.72
CA VAL B 45 3.00 8.38 -0.67
C VAL B 45 1.49 8.50 -0.74
N GLU B 46 1.01 9.47 -1.51
CA GLU B 46 -0.40 9.69 -1.73
C GLU B 46 -0.69 9.50 -3.20
N VAL B 47 -1.87 8.97 -3.50
CA VAL B 47 -2.29 8.71 -4.87
C VAL B 47 -3.73 9.17 -5.01
N LYS B 48 -4.10 9.52 -6.24
CA LYS B 48 -5.49 9.84 -6.54
C LYS B 48 -5.71 9.58 -8.02
N ARG B 49 -6.95 9.20 -8.36
CA ARG B 49 -7.34 9.23 -9.75
C ARG B 49 -7.20 10.64 -10.30
N ALA B 50 -6.84 10.73 -11.58
CA ALA B 50 -6.42 11.99 -12.18
C ALA B 50 -7.41 13.12 -11.88
N ASP B 51 -8.65 13.00 -12.34
CA ASP B 51 -9.57 14.12 -12.27
C ASP B 51 -10.42 14.11 -11.00
N SER B 52 -9.98 13.46 -9.94
CA SER B 52 -10.68 13.49 -8.67
C SER B 52 -9.97 14.45 -7.72
N ASP B 53 -10.50 14.56 -6.50
CA ASP B 53 -9.88 15.38 -5.46
C ASP B 53 -9.74 14.58 -4.17
N ASN B 54 -9.64 13.25 -4.28
CA ASN B 54 -9.61 12.37 -3.11
C ASN B 54 -8.25 11.70 -3.05
N TRP B 55 -7.29 12.38 -2.43
CA TRP B 55 -5.97 11.82 -2.20
C TRP B 55 -6.03 10.74 -1.14
N VAL B 56 -5.53 9.56 -1.48
CA VAL B 56 -5.49 8.40 -0.61
C VAL B 56 -4.05 8.14 -0.21
N ARG B 57 -3.83 7.74 1.04
CA ARG B 57 -2.48 7.45 1.52
C ARG B 57 -2.12 6.00 1.24
N CYS B 58 -0.92 5.78 0.72
CA CYS B 58 -0.49 4.46 0.31
C CYS B 58 0.22 3.68 1.41
N ASN B 59 0.61 4.35 2.50
CA ASN B 59 1.47 3.71 3.48
C ASN B 59 1.52 4.56 4.73
N LEU B 60 2.14 4.00 5.79
CA LEU B 60 2.50 4.71 7.00
C LEU B 60 3.96 5.12 6.93
N PRO B 61 4.32 6.40 7.16
CA PRO B 61 5.73 6.76 7.04
C PRO B 61 6.65 5.89 7.86
N GLN B 62 6.18 5.45 9.04
CA GLN B 62 7.04 4.72 9.94
C GLN B 62 7.61 3.45 9.31
N ASN B 63 7.02 2.96 8.23
CA ASN B 63 7.49 1.73 7.58
C ASN B 63 8.06 1.99 6.19
N LEU B 64 8.31 3.26 5.85
CA LEU B 64 8.88 3.64 4.54
C LEU B 64 10.05 4.58 4.77
N GLN B 65 11.22 4.01 5.03
CA GLN B 65 12.45 4.80 5.08
C GLN B 65 13.13 4.88 3.73
N LYS B 66 12.86 3.95 2.83
CA LYS B 66 13.46 3.97 1.51
C LYS B 66 12.85 5.08 0.66
N THR B 67 13.58 5.44 -0.40
CA THR B 67 13.20 6.49 -1.34
C THR B 67 12.61 5.92 -2.62
N ARG B 68 11.91 4.79 -2.51
CA ARG B 68 11.30 4.09 -3.63
C ARG B 68 10.02 3.46 -3.08
N PHE B 69 8.97 3.48 -3.88
CA PHE B 69 7.71 2.87 -3.47
C PHE B 69 6.94 2.42 -4.69
N GLU B 70 6.28 1.28 -4.58
CA GLU B 70 5.48 0.78 -5.66
C GLU B 70 4.02 0.82 -5.25
N VAL B 71 3.21 1.57 -5.99
CA VAL B 71 1.78 1.57 -5.78
C VAL B 71 1.21 0.42 -6.59
N THR B 72 0.57 -0.52 -5.90
CA THR B 72 0.09 -1.75 -6.52
C THR B 72 -1.42 -1.75 -6.57
N GLY B 73 -1.96 -2.70 -7.35
CA GLY B 73 -3.39 -2.88 -7.39
C GLY B 73 -4.13 -1.79 -8.11
N LEU B 74 -3.51 -1.16 -9.09
CA LEU B 74 -4.15 -0.10 -9.85
C LEU B 74 -4.86 -0.65 -11.07
N MET B 75 -5.68 0.20 -11.69
CA MET B 75 -6.48 -0.16 -12.85
C MET B 75 -5.75 0.19 -14.15
N GLU B 76 -5.65 -0.80 -15.03
CA GLU B 76 -5.10 -0.56 -16.35
C GLU B 76 -5.90 0.52 -17.09
N ASP B 77 -5.17 1.35 -17.83
CA ASP B 77 -5.75 2.43 -18.64
C ASP B 77 -6.53 3.41 -17.77
N THR B 78 -6.10 3.61 -16.53
CA THR B 78 -6.63 4.64 -15.66
C THR B 78 -5.51 5.59 -15.24
N GLN B 79 -5.74 6.88 -15.40
CA GLN B 79 -4.72 7.88 -15.11
C GLN B 79 -4.73 8.25 -13.64
N TYR B 80 -3.56 8.22 -13.03
CA TYR B 80 -3.39 8.53 -11.63
C TYR B 80 -2.41 9.69 -11.46
N GLN B 81 -2.48 10.34 -10.31
CA GLN B 81 -1.52 11.34 -9.89
C GLN B 81 -1.00 10.97 -8.50
N PHE B 82 0.24 11.37 -8.22
CA PHE B 82 0.90 10.98 -6.98
C PHE B 82 1.59 12.20 -6.41
N ARG B 83 1.85 12.16 -5.10
CA ARG B 83 2.69 13.15 -4.44
C ARG B 83 3.32 12.48 -3.23
N VAL B 84 4.41 13.04 -2.74
CA VAL B 84 5.17 12.40 -1.67
C VAL B 84 5.49 13.41 -0.58
N TYR B 85 5.39 12.96 0.67
CA TYR B 85 5.70 13.75 1.85
C TYR B 85 6.91 13.15 2.55
N ALA B 86 7.75 14.03 3.10
CA ALA B 86 8.79 13.65 4.05
C ALA B 86 8.24 13.85 5.46
N VAL B 87 8.70 13.04 6.40
CA VAL B 87 8.10 13.00 7.72
C VAL B 87 9.17 12.79 8.78
N ASN B 88 9.03 13.52 9.89
CA ASN B 88 9.82 13.36 11.10
C ASN B 88 8.85 13.50 12.26
N LYS B 89 9.37 13.44 13.47
CA LYS B 89 8.46 13.45 14.61
C LYS B 89 7.66 14.73 14.73
N ILE B 90 8.11 15.83 14.12
CA ILE B 90 7.43 17.11 14.33
C ILE B 90 6.22 17.26 13.43
N GLY B 91 6.21 16.61 12.27
CA GLY B 91 5.09 16.71 11.36
C GLY B 91 5.50 16.32 9.94
N TYR B 92 4.63 16.69 8.99
CA TYR B 92 4.82 16.37 7.59
C TYR B 92 5.34 17.57 6.83
N SER B 93 6.25 17.32 5.87
CA SER B 93 6.68 18.35 4.94
C SER B 93 5.49 18.79 4.09
N ASP B 94 5.67 19.89 3.37
CA ASP B 94 4.76 20.12 2.26
C ASP B 94 4.93 18.97 1.26
N PRO B 95 3.90 18.63 0.51
CA PRO B 95 4.05 17.55 -0.47
C PRO B 95 4.86 17.98 -1.69
N SER B 96 5.58 17.02 -2.25
CA SER B 96 6.23 17.17 -3.54
C SER B 96 5.44 16.38 -4.57
N ASP B 97 4.91 17.07 -5.57
CA ASP B 97 4.10 16.42 -6.59
C ASP B 97 4.98 15.73 -7.62
N VAL B 98 4.64 14.49 -7.93
CA VAL B 98 5.18 13.79 -9.10
C VAL B 98 4.58 14.43 -10.35
N PRO B 99 5.39 14.88 -11.31
CA PRO B 99 4.83 15.62 -12.45
C PRO B 99 3.95 14.74 -13.33
N ASP B 100 2.94 15.37 -13.91
CA ASP B 100 2.09 14.72 -14.90
C ASP B 100 1.25 13.57 -14.36
N LYS B 101 0.41 13.02 -15.23
CA LYS B 101 -0.48 11.92 -14.91
C LYS B 101 0.08 10.65 -15.54
N HIS B 102 -0.27 9.50 -14.96
CA HIS B 102 0.35 8.25 -15.37
C HIS B 102 -0.63 7.10 -15.43
N TYR B 103 -0.38 6.21 -16.40
CA TYR B 103 -1.19 5.03 -16.64
C TYR B 103 -0.43 3.80 -16.16
N PRO B 104 -1.09 2.89 -15.43
CA PRO B 104 -0.52 1.53 -15.31
C PRO B 104 -0.46 0.87 -16.67
N LYS B 105 0.74 0.54 -17.09
CA LYS B 105 0.98 -0.12 -18.37
C LYS B 105 2.41 -0.65 -18.34
N ASP B 106 2.87 -1.19 -19.47
CA ASP B 106 4.28 -1.57 -19.64
C ASP B 106 4.81 -0.87 -20.89
N ILE B 107 5.65 0.13 -20.70
CA ILE B 107 6.16 0.94 -21.79
C ILE B 107 7.54 0.44 -22.23
#